data_6D72
#
_entry.id   6D72
#
_cell.length_a   101.761
_cell.length_b   120.804
_cell.length_c   123.330
_cell.angle_alpha   90.00
_cell.angle_beta   90.00
_cell.angle_gamma   90.00
#
_symmetry.space_group_name_H-M   'I 2 2 2'
#
loop_
_entity.id
_entity.type
_entity.pdbx_description
1 polymer 'Spermidine N1-acetyltransferase'
2 non-polymer 'CALCIUM ION'
3 non-polymer DI(HYDROXYETHYL)ETHER
4 non-polymer 'MALONATE ION'
5 water water
#
_entity_poly.entity_id   1
_entity_poly.type   'polypeptide(L)'
_entity_poly.pdbx_seq_one_letter_code
;SNAMSTTSSVRLRPLEREDLPFVHQLDNNASIMRYWFEEPYEAFVELCDLYDKHIHDQSERRFIIESQGTKIGLVELVEI
NHIHRRAEFQIIIDPTHQGKGYAGAAAKLAMEYGFSVLNLYKLYLIVDKENEKAIHIYSKLGFEIEGELKQEFFINGEYR
TVIRMCIFQPQYLAKYKTPSIKNA
;
_entity_poly.pdbx_strand_id   A,B,C
#
# COMPACT_ATOMS: atom_id res chain seq x y z
N SER A 9 -10.15 -24.52 -36.23
CA SER A 9 -11.10 -24.95 -35.18
C SER A 9 -10.74 -24.38 -33.78
N VAL A 10 -9.93 -23.34 -33.71
CA VAL A 10 -9.59 -22.71 -32.40
C VAL A 10 -10.79 -21.92 -31.86
N ARG A 11 -11.15 -22.17 -30.61
CA ARG A 11 -12.30 -21.50 -29.97
C ARG A 11 -12.08 -21.16 -28.49
N LEU A 12 -12.94 -20.28 -27.98
CA LEU A 12 -12.99 -19.91 -26.56
C LEU A 12 -14.14 -20.57 -25.87
N ARG A 13 -13.94 -21.04 -24.63
CA ARG A 13 -15.06 -21.29 -23.77
C ARG A 13 -14.81 -20.81 -22.35
N PRO A 14 -15.91 -20.55 -21.62
CA PRO A 14 -15.76 -19.97 -20.30
C PRO A 14 -14.96 -20.83 -19.40
N LEU A 15 -14.08 -20.21 -18.63
CA LEU A 15 -13.30 -20.94 -17.63
C LEU A 15 -14.22 -21.53 -16.55
N GLU A 16 -13.95 -22.80 -16.19
CA GLU A 16 -14.65 -23.52 -15.14
C GLU A 16 -13.69 -23.90 -14.04
N ARG A 17 -14.24 -24.24 -12.88
N ARG A 17 -14.24 -24.24 -12.88
CA ARG A 17 -13.43 -24.68 -11.74
CA ARG A 17 -13.40 -24.67 -11.74
C ARG A 17 -12.49 -25.83 -12.08
C ARG A 17 -12.49 -25.83 -12.10
N GLU A 18 -12.99 -26.80 -12.86
N GLU A 18 -12.99 -26.80 -12.87
CA GLU A 18 -12.20 -27.94 -13.29
CA GLU A 18 -12.19 -27.96 -13.31
C GLU A 18 -11.04 -27.57 -14.22
C GLU A 18 -11.04 -27.57 -14.22
N ASP A 19 -11.04 -26.33 -14.77
CA ASP A 19 -9.87 -25.85 -15.52
C ASP A 19 -8.71 -25.33 -14.67
N LEU A 20 -8.89 -25.18 -13.36
CA LEU A 20 -7.87 -24.55 -12.55
C LEU A 20 -6.53 -25.30 -12.55
N PRO A 21 -6.55 -26.65 -12.55
CA PRO A 21 -5.21 -27.34 -12.61
C PRO A 21 -4.44 -26.96 -13.88
N PHE A 22 -5.15 -26.90 -15.02
CA PHE A 22 -4.52 -26.43 -16.26
C PHE A 22 -3.96 -25.01 -16.13
N VAL A 23 -4.77 -24.11 -15.56
CA VAL A 23 -4.30 -22.74 -15.34
C VAL A 23 -3.07 -22.68 -14.45
N HIS A 24 -3.14 -23.39 -13.34
CA HIS A 24 -2.07 -23.33 -12.37
C HIS A 24 -0.73 -23.77 -12.97
N GLN A 25 -0.72 -24.88 -13.74
CA GLN A 25 0.53 -25.42 -14.34
C GLN A 25 1.05 -24.59 -15.51
N LEU A 26 0.32 -23.61 -15.99
CA LEU A 26 0.92 -22.67 -16.96
C LEU A 26 2.20 -21.95 -16.41
N ASP A 27 2.38 -21.86 -15.08
CA ASP A 27 3.59 -21.31 -14.42
C ASP A 27 3.64 -21.56 -12.86
N ASN A 28 3.75 -22.83 -12.44
CA ASN A 28 3.89 -23.17 -11.00
C ASN A 28 5.36 -23.45 -10.60
N ASN A 29 6.21 -22.43 -10.76
CA ASN A 29 7.67 -22.60 -10.61
C ASN A 29 8.26 -21.82 -9.42
N ALA A 30 7.40 -21.16 -8.64
CA ALA A 30 7.86 -20.19 -7.61
C ALA A 30 8.86 -19.17 -8.22
N SER A 31 8.52 -18.63 -9.40
CA SER A 31 9.40 -17.74 -10.17
C SER A 31 8.74 -16.41 -10.50
N ILE A 32 7.45 -16.28 -10.21
CA ILE A 32 6.72 -15.06 -10.48
C ILE A 32 5.53 -14.96 -9.50
N MET A 33 5.14 -13.74 -9.15
CA MET A 33 3.91 -13.51 -8.43
C MET A 33 2.76 -13.51 -9.45
N ARG A 34 1.74 -14.31 -9.17
CA ARG A 34 0.53 -14.42 -9.96
C ARG A 34 -0.67 -13.88 -9.15
N TYR A 35 -1.66 -13.36 -9.89
CA TYR A 35 -2.80 -12.68 -9.32
C TYR A 35 -4.12 -13.26 -9.87
N TRP A 36 -5.14 -13.28 -9.00
CA TRP A 36 -6.50 -13.64 -9.36
C TRP A 36 -7.39 -12.56 -8.77
N PHE A 37 -8.09 -11.84 -9.62
CA PHE A 37 -8.84 -10.65 -9.25
C PHE A 37 -8.01 -9.77 -8.35
N GLU A 38 -6.76 -9.59 -8.74
CA GLU A 38 -5.82 -8.68 -8.12
C GLU A 38 -5.34 -9.12 -6.75
N GLU A 39 -5.60 -10.37 -6.36
CA GLU A 39 -5.13 -10.94 -5.13
C GLU A 39 -4.02 -11.96 -5.42
N PRO A 40 -2.89 -11.89 -4.70
CA PRO A 40 -1.77 -12.78 -4.97
C PRO A 40 -2.05 -14.22 -4.56
N TYR A 41 -1.44 -15.16 -5.27
CA TYR A 41 -1.43 -16.57 -4.92
C TYR A 41 -0.17 -17.22 -5.44
N GLU A 42 0.23 -18.34 -4.83
CA GLU A 42 1.25 -19.24 -5.39
C GLU A 42 0.71 -20.68 -5.46
N ALA A 43 0.23 -21.18 -4.33
CA ALA A 43 -0.26 -22.52 -4.18
C ALA A 43 -1.60 -22.71 -4.90
N PHE A 44 -1.79 -23.91 -5.44
CA PHE A 44 -3.03 -24.32 -6.10
C PHE A 44 -4.23 -24.13 -5.18
N VAL A 45 -4.07 -24.52 -3.92
CA VAL A 45 -5.15 -24.36 -2.94
C VAL A 45 -5.51 -22.88 -2.75
N GLU A 46 -4.51 -22.01 -2.79
CA GLU A 46 -4.77 -20.58 -2.69
C GLU A 46 -5.58 -20.05 -3.90
N LEU A 47 -5.18 -20.48 -5.10
CA LEU A 47 -5.93 -20.17 -6.32
C LEU A 47 -7.38 -20.63 -6.24
N CYS A 48 -7.60 -21.85 -5.78
CA CYS A 48 -8.95 -22.42 -5.65
C CYS A 48 -9.83 -21.60 -4.71
N ASP A 49 -9.27 -21.17 -3.57
CA ASP A 49 -10.03 -20.35 -2.67
C ASP A 49 -10.37 -18.96 -3.27
N LEU A 50 -9.41 -18.36 -3.95
CA LEU A 50 -9.66 -17.09 -4.62
C LEU A 50 -10.72 -17.23 -5.73
N TYR A 51 -10.65 -18.36 -6.45
CA TYR A 51 -11.62 -18.65 -7.50
C TYR A 51 -13.03 -18.65 -6.92
N ASP A 52 -13.23 -19.40 -5.84
CA ASP A 52 -14.51 -19.46 -5.16
C ASP A 52 -15.00 -18.10 -4.68
N LYS A 53 -14.11 -17.31 -4.10
CA LYS A 53 -14.50 -16.00 -3.61
C LYS A 53 -14.96 -15.02 -4.70
N HIS A 54 -14.47 -15.16 -5.94
CA HIS A 54 -14.76 -14.20 -7.02
C HIS A 54 -15.64 -14.73 -8.15
N ILE A 55 -16.28 -15.87 -7.95
CA ILE A 55 -17.09 -16.48 -9.01
C ILE A 55 -18.11 -15.51 -9.67
N HIS A 56 -18.72 -14.60 -8.92
CA HIS A 56 -19.66 -13.60 -9.52
C HIS A 56 -19.06 -12.22 -9.79
N ASP A 57 -17.76 -12.06 -9.64
CA ASP A 57 -17.14 -10.76 -9.86
C ASP A 57 -16.99 -10.59 -11.38
N GLN A 58 -17.54 -9.49 -11.90
CA GLN A 58 -17.54 -9.17 -13.33
C GLN A 58 -16.35 -8.29 -13.78
N SER A 59 -15.46 -7.94 -12.86
CA SER A 59 -14.33 -7.12 -13.22
C SER A 59 -13.22 -7.86 -14.00
N GLU A 60 -13.27 -9.20 -14.03
CA GLU A 60 -12.39 -10.01 -14.88
C GLU A 60 -13.20 -11.16 -15.45
N ARG A 61 -12.76 -11.66 -16.60
CA ARG A 61 -13.40 -12.77 -17.29
C ARG A 61 -12.35 -13.59 -17.97
N ARG A 62 -12.49 -14.90 -17.86
CA ARG A 62 -11.47 -15.81 -18.38
C ARG A 62 -12.03 -16.88 -19.26
N PHE A 63 -11.23 -17.32 -20.23
CA PHE A 63 -11.68 -18.31 -21.23
C PHE A 63 -10.53 -19.24 -21.52
N ILE A 64 -10.86 -20.52 -21.65
CA ILE A 64 -9.92 -21.51 -22.11
C ILE A 64 -9.91 -21.47 -23.65
N ILE A 65 -8.70 -21.48 -24.23
CA ILE A 65 -8.54 -21.55 -25.66
C ILE A 65 -8.45 -23.04 -25.97
N GLU A 66 -9.32 -23.53 -26.84
CA GLU A 66 -9.19 -24.93 -27.21
C GLU A 66 -9.25 -25.16 -28.71
N SER A 67 -8.63 -26.24 -29.11
CA SER A 67 -8.60 -26.68 -30.52
C SER A 67 -8.68 -28.18 -30.52
N GLN A 68 -9.65 -28.73 -31.24
CA GLN A 68 -9.78 -30.19 -31.41
C GLN A 68 -9.85 -30.85 -30.05
N GLY A 69 -10.65 -30.26 -29.16
CA GLY A 69 -10.81 -30.74 -27.81
C GLY A 69 -9.60 -30.62 -26.87
N THR A 70 -8.41 -30.18 -27.31
CA THR A 70 -7.33 -29.99 -26.34
C THR A 70 -7.26 -28.53 -25.80
N LYS A 71 -6.88 -28.40 -24.53
CA LYS A 71 -6.65 -27.10 -23.91
C LYS A 71 -5.30 -26.53 -24.33
N ILE A 72 -5.33 -25.42 -25.03
CA ILE A 72 -4.16 -24.79 -25.63
C ILE A 72 -3.60 -23.65 -24.76
N GLY A 73 -4.51 -22.95 -24.08
CA GLY A 73 -4.16 -21.75 -23.36
C GLY A 73 -5.33 -21.05 -22.69
N LEU A 74 -5.05 -19.83 -22.21
CA LEU A 74 -5.98 -19.04 -21.44
C LEU A 74 -6.04 -17.63 -22.02
N VAL A 75 -7.25 -17.09 -22.12
CA VAL A 75 -7.43 -15.66 -22.37
C VAL A 75 -7.94 -15.07 -21.08
N GLU A 76 -7.34 -13.98 -20.62
CA GLU A 76 -7.88 -13.22 -19.48
C GLU A 76 -8.24 -11.82 -19.92
N LEU A 77 -9.45 -11.37 -19.62
CA LEU A 77 -9.81 -9.94 -19.66
C LEU A 77 -9.84 -9.42 -18.23
N VAL A 78 -9.06 -8.39 -17.93
CA VAL A 78 -8.99 -7.84 -16.61
C VAL A 78 -9.16 -6.33 -16.66
N GLU A 79 -9.30 -5.72 -15.49
CA GLU A 79 -9.57 -4.29 -15.35
C GLU A 79 -10.74 -3.86 -16.19
N ILE A 80 -11.77 -4.67 -16.24
CA ILE A 80 -12.89 -4.37 -17.13
C ILE A 80 -13.63 -3.18 -16.53
N ASN A 81 -13.89 -2.15 -17.34
CA ASN A 81 -14.70 -1.05 -16.88
C ASN A 81 -15.71 -0.73 -17.99
N HIS A 82 -16.99 -0.87 -17.72
CA HIS A 82 -18.04 -0.65 -18.71
C HIS A 82 -18.48 0.82 -18.85
N ILE A 83 -18.03 1.72 -17.99
CA ILE A 83 -18.31 3.13 -18.18
C ILE A 83 -17.28 3.70 -19.17
N HIS A 84 -16.02 3.37 -18.98
CA HIS A 84 -14.98 3.82 -19.86
C HIS A 84 -14.87 2.88 -21.04
N ARG A 85 -15.52 1.73 -20.93
CA ARG A 85 -15.68 0.77 -22.01
C ARG A 85 -14.31 0.26 -22.47
N ARG A 86 -13.54 -0.23 -21.50
CA ARG A 86 -12.26 -0.79 -21.80
C ARG A 86 -11.90 -1.99 -20.95
N ALA A 87 -10.90 -2.73 -21.44
CA ALA A 87 -10.33 -3.82 -20.67
C ALA A 87 -8.94 -4.11 -21.15
N GLU A 88 -8.14 -4.70 -20.26
CA GLU A 88 -6.86 -5.23 -20.61
C GLU A 88 -7.07 -6.70 -20.95
N PHE A 89 -6.34 -7.22 -21.91
CA PHE A 89 -6.33 -8.65 -22.09
C PHE A 89 -4.94 -9.18 -22.12
N GLN A 90 -4.86 -10.46 -21.78
CA GLN A 90 -3.65 -11.26 -21.91
C GLN A 90 -3.97 -12.66 -22.52
N ILE A 91 -3.12 -13.11 -23.41
CA ILE A 91 -3.15 -14.43 -24.03
C ILE A 91 -1.95 -15.23 -23.43
N ILE A 92 -2.22 -16.40 -22.85
CA ILE A 92 -1.19 -17.28 -22.37
C ILE A 92 -1.33 -18.62 -23.06
N ILE A 93 -0.31 -19.01 -23.81
CA ILE A 93 -0.33 -20.27 -24.54
C ILE A 93 0.52 -21.26 -23.76
N ASP A 94 -0.02 -22.45 -23.51
CA ASP A 94 0.77 -23.52 -22.90
C ASP A 94 2.10 -23.68 -23.63
N PRO A 95 3.22 -23.84 -22.90
CA PRO A 95 4.52 -24.04 -23.56
C PRO A 95 4.54 -25.13 -24.62
N THR A 96 3.82 -26.25 -24.38
CA THR A 96 3.83 -27.34 -25.34
C THR A 96 3.06 -27.02 -26.63
N HIS A 97 2.34 -25.89 -26.70
CA HIS A 97 1.61 -25.49 -27.91
C HIS A 97 2.05 -24.14 -28.52
N GLN A 98 3.22 -23.68 -28.12
CA GLN A 98 3.71 -22.38 -28.59
C GLN A 98 4.20 -22.36 -30.05
N GLY A 99 4.45 -23.51 -30.61
CA GLY A 99 5.00 -23.51 -31.97
C GLY A 99 4.02 -23.35 -33.12
N LYS A 100 2.72 -23.11 -32.88
CA LYS A 100 1.69 -23.48 -33.87
C LYS A 100 0.78 -22.34 -34.32
N GLY A 101 1.17 -21.08 -34.09
CA GLY A 101 0.35 -19.92 -34.55
C GLY A 101 -0.96 -19.64 -33.80
N TYR A 102 -1.07 -20.20 -32.61
CA TYR A 102 -2.27 -20.01 -31.79
C TYR A 102 -2.31 -18.65 -31.09
N ALA A 103 -1.18 -17.96 -30.94
CA ALA A 103 -1.14 -16.62 -30.27
C ALA A 103 -2.01 -15.61 -31.03
N GLY A 104 -1.75 -15.51 -32.32
CA GLY A 104 -2.48 -14.64 -33.23
C GLY A 104 -3.95 -14.98 -33.32
N ALA A 105 -4.27 -16.27 -33.44
CA ALA A 105 -5.67 -16.70 -33.54
C ALA A 105 -6.44 -16.42 -32.26
N ALA A 106 -5.80 -16.63 -31.13
CA ALA A 106 -6.40 -16.37 -29.83
C ALA A 106 -6.63 -14.92 -29.59
N ALA A 107 -5.69 -14.09 -30.03
CA ALA A 107 -5.83 -12.64 -29.93
C ALA A 107 -7.09 -12.17 -30.69
N LYS A 108 -7.34 -12.71 -31.89
CA LYS A 108 -8.55 -12.37 -32.65
C LYS A 108 -9.78 -12.82 -31.91
N LEU A 109 -9.75 -13.98 -31.29
CA LEU A 109 -10.93 -14.41 -30.47
C LEU A 109 -11.15 -13.52 -29.28
N ALA A 110 -10.09 -13.05 -28.66
CA ALA A 110 -10.22 -12.12 -27.53
C ALA A 110 -10.81 -10.78 -27.97
N MET A 111 -10.35 -10.31 -29.12
CA MET A 111 -10.86 -9.08 -29.70
C MET A 111 -12.35 -9.21 -30.02
N GLU A 112 -12.72 -10.31 -30.66
CA GLU A 112 -14.10 -10.60 -30.98
C GLU A 112 -15.00 -10.64 -29.77
N TYR A 113 -14.55 -11.29 -28.69
CA TYR A 113 -15.37 -11.33 -27.51
C TYR A 113 -15.48 -9.91 -26.90
N GLY A 114 -14.38 -9.22 -26.76
CA GLY A 114 -14.42 -7.94 -26.08
C GLY A 114 -15.23 -6.88 -26.85
N PHE A 115 -15.10 -6.88 -28.18
CA PHE A 115 -15.78 -5.91 -28.97
C PHE A 115 -17.18 -6.28 -29.43
N SER A 116 -17.43 -7.54 -29.73
CA SER A 116 -18.68 -7.90 -30.36
C SER A 116 -19.66 -8.53 -29.36
N VAL A 117 -19.17 -8.99 -28.21
CA VAL A 117 -20.05 -9.51 -27.17
C VAL A 117 -20.17 -8.53 -25.96
N LEU A 118 -19.06 -8.09 -25.44
CA LEU A 118 -19.01 -7.24 -24.25
C LEU A 118 -19.27 -5.74 -24.55
N ASN A 119 -19.17 -5.38 -25.81
CA ASN A 119 -19.46 -4.05 -26.29
C ASN A 119 -18.48 -3.01 -25.71
N LEU A 120 -17.20 -3.40 -25.61
CA LEU A 120 -16.16 -2.48 -25.20
C LEU A 120 -15.74 -1.58 -26.37
N TYR A 121 -15.16 -0.42 -26.04
CA TYR A 121 -14.66 0.56 -26.98
C TYR A 121 -13.16 0.39 -27.23
N LYS A 122 -12.43 -0.02 -26.19
CA LYS A 122 -10.97 -0.05 -26.22
C LYS A 122 -10.48 -1.33 -25.57
N LEU A 123 -9.58 -2.04 -26.25
CA LEU A 123 -8.87 -3.17 -25.67
C LEU A 123 -7.39 -2.86 -25.74
N TYR A 124 -6.67 -3.20 -24.68
CA TYR A 124 -5.24 -3.00 -24.64
C TYR A 124 -4.53 -4.18 -23.99
N LEU A 125 -3.23 -4.23 -24.17
CA LEU A 125 -2.42 -5.34 -23.66
C LEU A 125 -1.06 -4.80 -23.31
N ILE A 126 -0.35 -5.56 -22.49
CA ILE A 126 0.99 -5.24 -22.08
C ILE A 126 1.91 -6.39 -22.53
N VAL A 127 3.06 -6.07 -23.12
CA VAL A 127 4.05 -7.09 -23.48
C VAL A 127 5.44 -6.58 -23.15
N ASP A 128 6.32 -7.49 -22.78
CA ASP A 128 7.68 -7.13 -22.52
C ASP A 128 8.26 -6.50 -23.78
N LYS A 129 9.04 -5.45 -23.57
CA LYS A 129 9.64 -4.71 -24.67
C LYS A 129 10.60 -5.58 -25.52
N GLU A 130 11.25 -6.58 -24.90
CA GLU A 130 12.09 -7.53 -25.60
C GLU A 130 11.32 -8.62 -26.38
N ASN A 131 9.99 -8.67 -26.26
CA ASN A 131 9.19 -9.71 -26.93
C ASN A 131 8.80 -9.25 -28.34
N GLU A 132 9.78 -9.13 -29.19
CA GLU A 132 9.61 -8.55 -30.53
C GLU A 132 8.59 -9.28 -31.40
N LYS A 133 8.50 -10.60 -31.21
CA LYS A 133 7.60 -11.42 -32.00
C LYS A 133 6.15 -11.09 -31.67
N ALA A 134 5.85 -11.01 -30.38
CA ALA A 134 4.50 -10.68 -29.94
C ALA A 134 4.14 -9.26 -30.38
N ILE A 135 5.09 -8.33 -30.22
CA ILE A 135 4.86 -6.96 -30.67
C ILE A 135 4.49 -6.95 -32.16
N HIS A 136 5.19 -7.74 -32.96
CA HIS A 136 4.96 -7.79 -34.41
C HIS A 136 3.56 -8.34 -34.71
N ILE A 137 3.20 -9.45 -34.08
CA ILE A 137 1.84 -10.02 -34.21
C ILE A 137 0.75 -8.99 -33.91
N TYR A 138 0.89 -8.28 -32.79
CA TYR A 138 -0.13 -7.31 -32.40
C TYR A 138 -0.15 -6.10 -33.35
N SER A 139 1.01 -5.64 -33.79
CA SER A 139 1.07 -4.59 -34.83
C SER A 139 0.34 -5.02 -36.08
N LYS A 140 0.57 -6.25 -36.54
CA LYS A 140 -0.11 -6.76 -37.75
C LYS A 140 -1.62 -6.85 -37.56
N LEU A 141 -2.09 -7.18 -36.36
CA LEU A 141 -3.54 -7.16 -36.09
C LEU A 141 -4.18 -5.77 -36.00
N GLY A 142 -3.39 -4.70 -35.97
CA GLY A 142 -3.91 -3.34 -35.94
C GLY A 142 -3.69 -2.60 -34.63
N PHE A 143 -2.99 -3.18 -33.67
CA PHE A 143 -2.73 -2.50 -32.40
C PHE A 143 -1.67 -1.42 -32.60
N GLU A 144 -1.81 -0.31 -31.88
CA GLU A 144 -0.86 0.78 -31.92
C GLU A 144 -0.21 0.89 -30.53
N ILE A 145 1.05 1.32 -30.49
CA ILE A 145 1.78 1.49 -29.24
C ILE A 145 1.30 2.76 -28.57
N GLU A 146 0.89 2.70 -27.31
CA GLU A 146 0.50 3.91 -26.60
C GLU A 146 1.41 4.24 -25.43
N GLY A 147 2.32 3.36 -25.08
CA GLY A 147 3.20 3.71 -23.98
C GLY A 147 4.27 2.70 -23.76
N GLU A 148 5.33 3.16 -23.11
CA GLU A 148 6.44 2.32 -22.74
C GLU A 148 6.61 2.46 -21.24
N LEU A 149 6.05 1.52 -20.46
CA LEU A 149 6.05 1.61 -18.99
C LEU A 149 7.37 1.09 -18.42
N LYS A 150 8.17 2.02 -17.89
CA LYS A 150 9.57 1.78 -17.58
C LYS A 150 9.67 1.06 -16.25
N GLN A 151 10.38 -0.06 -16.22
CA GLN A 151 10.69 -0.79 -15.00
C GLN A 151 9.41 -1.03 -14.18
N GLU A 152 8.37 -1.47 -14.91
CA GLU A 152 7.06 -1.70 -14.37
C GLU A 152 6.90 -3.02 -13.60
N PHE A 153 7.75 -4.00 -13.86
CA PHE A 153 7.69 -5.30 -13.19
C PHE A 153 9.09 -5.73 -12.79
N PHE A 154 9.23 -6.12 -11.53
CA PHE A 154 10.36 -6.87 -11.02
C PHE A 154 10.23 -8.36 -11.27
N ILE A 155 11.07 -8.88 -12.15
CA ILE A 155 11.01 -10.28 -12.60
C ILE A 155 12.38 -10.89 -12.61
N ASN A 156 12.51 -11.99 -11.89
CA ASN A 156 13.74 -12.74 -11.88
C ASN A 156 14.95 -11.82 -11.59
N GLY A 157 14.83 -10.95 -10.58
CA GLY A 157 15.97 -10.15 -10.15
C GLY A 157 16.19 -8.82 -10.85
N GLU A 158 15.33 -8.42 -11.80
CA GLU A 158 15.50 -7.16 -12.50
C GLU A 158 14.18 -6.51 -12.91
N TYR A 159 14.22 -5.19 -13.06
CA TYR A 159 13.06 -4.43 -13.47
C TYR A 159 12.95 -4.53 -14.97
N ARG A 160 11.77 -4.83 -15.48
CA ARG A 160 11.53 -4.97 -16.92
C ARG A 160 10.61 -3.87 -17.35
N THR A 161 10.78 -3.46 -18.58
CA THR A 161 10.02 -2.42 -19.20
C THR A 161 9.04 -3.09 -20.16
N VAL A 162 7.81 -2.60 -20.20
CA VAL A 162 6.79 -3.18 -21.04
C VAL A 162 6.21 -2.15 -21.98
N ILE A 163 5.58 -2.65 -23.03
CA ILE A 163 4.97 -1.85 -24.07
C ILE A 163 3.46 -2.06 -23.90
N ARG A 164 2.71 -0.97 -23.86
CA ARG A 164 1.24 -1.02 -23.84
C ARG A 164 0.76 -0.77 -25.26
N MET A 165 -0.08 -1.65 -25.80
CA MET A 165 -0.66 -1.50 -27.14
C MET A 165 -2.17 -1.55 -27.06
N CYS A 166 -2.85 -0.79 -27.90
CA CYS A 166 -4.30 -0.72 -27.89
C CYS A 166 -4.91 -0.73 -29.29
N ILE A 167 -6.20 -1.06 -29.34
CA ILE A 167 -7.00 -1.01 -30.55
C ILE A 167 -8.45 -0.68 -30.18
N PHE A 168 -9.20 -0.06 -31.09
CA PHE A 168 -10.51 0.47 -30.79
C PHE A 168 -11.64 -0.23 -31.56
N GLN A 169 -12.86 -0.14 -31.01
CA GLN A 169 -14.00 -0.89 -31.50
C GLN A 169 -14.42 -0.54 -32.92
N PRO A 170 -14.56 0.74 -33.28
CA PRO A 170 -14.93 1.06 -34.68
C PRO A 170 -14.01 0.45 -35.76
N GLN A 171 -12.68 0.60 -35.64
CA GLN A 171 -11.70 -0.02 -36.55
C GLN A 171 -11.87 -1.55 -36.61
N TYR A 172 -12.05 -2.18 -35.45
CA TYR A 172 -12.26 -3.63 -35.41
C TYR A 172 -13.51 -4.07 -36.16
N LEU A 173 -14.66 -3.53 -35.76
CA LEU A 173 -15.96 -3.91 -36.35
C LEU A 173 -15.98 -3.62 -37.86
N ALA A 174 -15.35 -2.53 -38.29
CA ALA A 174 -15.20 -2.28 -39.73
C ALA A 174 -14.42 -3.41 -40.41
N LYS A 175 -13.19 -3.66 -39.93
CA LYS A 175 -12.25 -4.60 -40.58
C LYS A 175 -12.63 -6.10 -40.51
N TYR A 176 -13.26 -6.54 -39.42
CA TYR A 176 -13.62 -7.94 -39.27
C TYR A 176 -15.11 -8.21 -39.08
N LYS A 177 -16.01 -7.24 -39.21
CA LYS A 177 -17.44 -7.51 -38.84
C LYS A 177 -18.49 -6.95 -39.85
N THR A 178 -18.23 -7.12 -41.15
CA THR A 178 -19.09 -6.55 -42.23
C THR A 178 -20.21 -7.53 -42.68
N ALA B 3 9.93 31.05 5.91
CA ALA B 3 9.50 32.12 6.91
C ALA B 3 8.34 32.98 6.36
N MET B 4 8.62 33.66 5.24
CA MET B 4 7.63 34.39 4.47
C MET B 4 7.20 33.60 3.23
N SER B 5 6.30 32.64 3.42
CA SER B 5 5.55 32.05 2.30
C SER B 5 4.23 31.48 2.82
N THR B 6 3.41 31.08 1.87
CA THR B 6 2.01 30.72 2.12
C THR B 6 1.72 29.21 2.12
N THR B 7 2.68 28.39 1.71
CA THR B 7 2.51 26.93 1.64
C THR B 7 3.43 26.24 2.65
N SER B 8 3.64 26.95 3.76
CA SER B 8 4.62 26.60 4.78
C SER B 8 3.95 25.75 5.83
N SER B 9 2.66 26.00 6.05
CA SER B 9 1.88 25.15 6.92
C SER B 9 1.33 23.87 6.23
N VAL B 10 1.73 23.56 4.98
CA VAL B 10 1.10 22.39 4.29
C VAL B 10 1.64 21.07 4.82
N ARG B 11 0.75 20.19 5.24
CA ARG B 11 1.10 18.86 5.76
C ARG B 11 0.08 17.79 5.38
N LEU B 12 0.51 16.55 5.50
CA LEU B 12 -0.33 15.36 5.31
C LEU B 12 -0.73 14.75 6.64
N ARG B 13 -1.98 14.30 6.72
CA ARG B 13 -2.31 13.34 7.76
C ARG B 13 -3.22 12.26 7.25
N PRO B 14 -3.21 11.10 7.94
CA PRO B 14 -4.02 9.98 7.49
C PRO B 14 -5.48 10.36 7.41
N LEU B 15 -6.13 9.91 6.34
CA LEU B 15 -7.57 10.07 6.22
C LEU B 15 -8.31 9.31 7.32
N GLU B 16 -9.31 9.96 7.91
CA GLU B 16 -10.17 9.37 8.93
C GLU B 16 -11.61 9.33 8.42
N ARG B 17 -12.41 8.50 9.07
CA ARG B 17 -13.85 8.42 8.78
C ARG B 17 -14.54 9.78 8.78
N GLU B 18 -14.22 10.61 9.77
N GLU B 18 -14.22 10.61 9.77
CA GLU B 18 -14.75 11.96 9.91
CA GLU B 18 -14.77 11.97 9.88
C GLU B 18 -14.40 12.87 8.73
C GLU B 18 -14.40 12.88 8.72
N ASP B 19 -13.39 12.51 7.93
CA ASP B 19 -13.07 13.26 6.71
C ASP B 19 -13.95 12.94 5.49
N LEU B 20 -14.82 11.92 5.58
CA LEU B 20 -15.55 11.52 4.41
C LEU B 20 -16.47 12.60 3.84
N PRO B 21 -17.13 13.40 4.70
CA PRO B 21 -17.95 14.50 4.10
C PRO B 21 -17.11 15.46 3.24
N PHE B 22 -15.91 15.81 3.73
CA PHE B 22 -14.97 16.61 2.91
C PHE B 22 -14.62 15.91 1.58
N VAL B 23 -14.30 14.63 1.66
CA VAL B 23 -13.99 13.87 0.45
C VAL B 23 -15.16 13.87 -0.52
N HIS B 24 -16.34 13.57 -0.01
CA HIS B 24 -17.50 13.43 -0.87
C HIS B 24 -17.79 14.72 -1.65
N GLN B 25 -17.74 15.89 -0.96
CA GLN B 25 -18.04 17.18 -1.60
C GLN B 25 -16.95 17.67 -2.54
N LEU B 26 -15.80 17.02 -2.61
CA LEU B 26 -14.84 17.38 -3.68
C LEU B 26 -15.43 17.25 -5.12
N ASP B 27 -16.47 16.41 -5.30
CA ASP B 27 -17.17 16.24 -6.59
C ASP B 27 -18.52 15.41 -6.49
N ASN B 28 -19.51 15.95 -5.79
CA ASN B 28 -20.85 15.34 -5.68
C ASN B 28 -21.87 15.95 -6.66
N ASN B 29 -21.57 15.88 -7.97
CA ASN B 29 -22.35 16.61 -8.98
C ASN B 29 -23.08 15.69 -9.98
N ALA B 30 -23.02 14.36 -9.74
CA ALA B 30 -23.46 13.39 -10.75
C ALA B 30 -22.85 13.69 -12.15
N SER B 31 -21.55 13.96 -12.18
CA SER B 31 -20.85 14.35 -13.44
C SER B 31 -19.67 13.45 -13.75
N ILE B 32 -19.33 12.57 -12.83
CA ILE B 32 -18.23 11.63 -13.00
C ILE B 32 -18.51 10.37 -12.15
N MET B 33 -18.01 9.23 -12.60
CA MET B 33 -17.97 8.03 -11.80
C MET B 33 -16.77 8.11 -10.84
N ARG B 34 -17.04 7.89 -9.55
N ARG B 34 -17.03 7.91 -9.56
CA ARG B 34 -16.05 7.90 -8.49
CA ARG B 34 -16.04 7.93 -8.49
C ARG B 34 -15.87 6.48 -7.92
C ARG B 34 -15.87 6.50 -7.92
N TYR B 35 -14.65 6.18 -7.48
CA TYR B 35 -14.29 4.85 -7.02
C TYR B 35 -13.62 4.92 -5.63
N TRP B 36 -13.86 3.87 -4.83
CA TRP B 36 -13.19 3.66 -3.56
C TRP B 36 -12.72 2.21 -3.55
N PHE B 37 -11.43 1.99 -3.48
CA PHE B 37 -10.83 0.67 -3.64
C PHE B 37 -11.43 -0.03 -4.84
N GLU B 38 -11.56 0.71 -5.93
CA GLU B 38 -11.97 0.22 -7.23
C GLU B 38 -13.45 -0.14 -7.30
N GLU B 39 -14.25 0.24 -6.30
CA GLU B 39 -15.67 -0.01 -6.30
C GLU B 39 -16.41 1.33 -6.49
N PRO B 40 -17.39 1.36 -7.41
CA PRO B 40 -18.08 2.60 -7.72
C PRO B 40 -19.00 3.07 -6.60
N TYR B 41 -19.14 4.39 -6.47
CA TYR B 41 -20.13 4.99 -5.57
C TYR B 41 -20.55 6.33 -6.12
N GLU B 42 -21.75 6.76 -5.71
CA GLU B 42 -22.21 8.15 -5.91
C GLU B 42 -22.63 8.76 -4.58
N ALA B 43 -23.54 8.10 -3.88
CA ALA B 43 -24.14 8.59 -2.65
C ALA B 43 -23.14 8.53 -1.48
N PHE B 44 -23.24 9.51 -0.59
CA PHE B 44 -22.41 9.57 0.63
C PHE B 44 -22.51 8.29 1.46
N VAL B 45 -23.72 7.79 1.60
CA VAL B 45 -23.97 6.54 2.32
C VAL B 45 -23.24 5.36 1.66
N GLU B 46 -23.17 5.38 0.34
CA GLU B 46 -22.45 4.32 -0.36
C GLU B 46 -20.92 4.41 -0.11
N LEU B 47 -20.37 5.62 -0.16
CA LEU B 47 -18.98 5.87 0.21
C LEU B 47 -18.67 5.38 1.63
N CYS B 48 -19.54 5.68 2.58
CA CYS B 48 -19.34 5.29 3.97
C CYS B 48 -19.29 3.79 4.13
N ASP B 49 -20.19 3.08 3.45
CA ASP B 49 -20.18 1.63 3.51
C ASP B 49 -18.89 1.03 2.87
N LEU B 50 -18.47 1.57 1.73
CA LEU B 50 -17.22 1.13 1.13
C LEU B 50 -16.00 1.42 2.02
N TYR B 51 -16.02 2.58 2.69
CA TYR B 51 -14.97 2.96 3.60
C TYR B 51 -14.82 1.91 4.70
N ASP B 52 -15.94 1.58 5.34
CA ASP B 52 -15.96 0.55 6.36
C ASP B 52 -15.47 -0.81 5.88
N LYS B 53 -15.89 -1.22 4.69
CA LYS B 53 -15.50 -2.52 4.16
C LYS B 53 -13.98 -2.63 3.88
N HIS B 54 -13.29 -1.52 3.60
CA HIS B 54 -11.89 -1.55 3.21
C HIS B 54 -10.91 -0.94 4.24
N ILE B 55 -11.36 -0.72 5.47
CA ILE B 55 -10.52 -0.08 6.46
C ILE B 55 -9.13 -0.74 6.66
N HIS B 56 -9.01 -2.05 6.57
CA HIS B 56 -7.69 -2.73 6.62
C HIS B 56 -7.05 -3.07 5.29
N ASP B 57 -7.60 -2.62 4.19
CA ASP B 57 -7.04 -2.94 2.88
C ASP B 57 -5.86 -1.99 2.66
N GLN B 58 -4.70 -2.58 2.40
CA GLN B 58 -3.44 -1.88 2.16
C GLN B 58 -3.15 -1.55 0.69
N SER B 59 -4.05 -1.88 -0.21
CA SER B 59 -3.83 -1.62 -1.62
C SER B 59 -4.01 -0.14 -2.03
N GLU B 60 -4.62 0.67 -1.15
CA GLU B 60 -4.74 2.11 -1.33
C GLU B 60 -4.51 2.78 0.03
N ARG B 61 -4.04 4.01 0.00
CA ARG B 61 -3.81 4.83 1.17
C ARG B 61 -4.11 6.26 0.83
N ARG B 62 -4.80 6.93 1.76
CA ARG B 62 -5.23 8.29 1.53
C ARG B 62 -4.84 9.22 2.66
N PHE B 63 -4.61 10.46 2.30
CA PHE B 63 -4.14 11.50 3.27
C PHE B 63 -4.87 12.78 2.99
N ILE B 64 -5.29 13.46 4.04
CA ILE B 64 -5.79 14.84 3.93
C ILE B 64 -4.61 15.79 3.87
N ILE B 65 -4.69 16.73 2.94
CA ILE B 65 -3.69 17.81 2.86
C ILE B 65 -4.27 18.92 3.70
N GLU B 66 -3.53 19.38 4.70
CA GLU B 66 -4.04 20.51 5.49
C GLU B 66 -3.01 21.60 5.68
N SER B 67 -3.52 22.80 5.87
CA SER B 67 -2.70 23.97 6.22
C SER B 67 -3.43 24.74 7.31
N GLN B 68 -2.74 24.95 8.44
CA GLN B 68 -3.28 25.66 9.58
C GLN B 68 -4.64 25.12 9.99
N GLY B 69 -4.67 23.79 10.09
CA GLY B 69 -5.87 23.11 10.48
C GLY B 69 -7.00 23.07 9.48
N THR B 70 -6.96 23.81 8.34
CA THR B 70 -8.05 23.65 7.38
C THR B 70 -7.72 22.59 6.29
N LYS B 71 -8.77 21.87 5.87
CA LYS B 71 -8.64 20.80 4.89
C LYS B 71 -8.60 21.38 3.50
N ILE B 72 -7.47 21.20 2.81
CA ILE B 72 -7.32 21.78 1.48
C ILE B 72 -7.47 20.80 0.35
N GLY B 73 -7.26 19.51 0.63
CA GLY B 73 -7.30 18.49 -0.39
C GLY B 73 -7.01 17.08 0.07
N LEU B 74 -6.86 16.20 -0.91
CA LEU B 74 -6.68 14.78 -0.69
C LEU B 74 -5.51 14.28 -1.51
N VAL B 75 -4.65 13.45 -0.90
CA VAL B 75 -3.68 12.66 -1.65
C VAL B 75 -4.19 11.22 -1.66
N GLU B 76 -4.23 10.60 -2.82
CA GLU B 76 -4.54 9.15 -2.91
C GLU B 76 -3.35 8.40 -3.49
N LEU B 77 -2.91 7.33 -2.85
CA LEU B 77 -2.01 6.34 -3.46
C LEU B 77 -2.85 5.10 -3.72
N VAL B 78 -2.91 4.65 -4.96
CA VAL B 78 -3.68 3.52 -5.36
C VAL B 78 -2.81 2.55 -6.17
N GLU B 79 -3.37 1.36 -6.41
CA GLU B 79 -2.66 0.27 -7.10
C GLU B 79 -1.33 -0.01 -6.45
N ILE B 80 -1.26 0.03 -5.14
CA ILE B 80 0.01 -0.13 -4.45
C ILE B 80 0.43 -1.57 -4.59
N ASN B 81 1.65 -1.84 -5.05
CA ASN B 81 2.15 -3.21 -5.14
C ASN B 81 3.56 -3.21 -4.58
N HIS B 82 3.79 -3.92 -3.46
CA HIS B 82 5.08 -3.91 -2.78
C HIS B 82 6.10 -4.92 -3.35
N ILE B 83 5.70 -5.79 -4.25
CA ILE B 83 6.65 -6.68 -4.93
C ILE B 83 7.28 -5.89 -6.10
N HIS B 84 6.48 -5.20 -6.88
CA HIS B 84 6.99 -4.42 -7.97
C HIS B 84 7.42 -3.06 -7.46
N ARG B 85 7.00 -2.74 -6.24
CA ARG B 85 7.43 -1.56 -5.52
C ARG B 85 7.00 -0.30 -6.26
N ARG B 86 5.70 -0.24 -6.54
CA ARG B 86 5.13 0.92 -7.21
C ARG B 86 3.73 1.27 -6.74
N ALA B 87 3.35 2.50 -7.05
CA ALA B 87 2.00 2.97 -6.81
C ALA B 87 1.68 4.12 -7.73
N GLU B 88 0.40 4.33 -7.98
CA GLU B 88 -0.08 5.48 -8.67
C GLU B 88 -0.47 6.48 -7.58
N PHE B 89 -0.27 7.76 -7.82
CA PHE B 89 -0.84 8.74 -6.92
C PHE B 89 -1.61 9.79 -7.68
N GLN B 90 -2.50 10.43 -6.94
CA GLN B 90 -3.22 11.62 -7.40
C GLN B 90 -3.31 12.66 -6.25
N ILE B 91 -3.18 13.94 -6.62
CA ILE B 91 -3.40 15.08 -5.74
C ILE B 91 -4.71 15.76 -6.17
N ILE B 92 -5.65 15.92 -5.24
CA ILE B 92 -6.90 16.67 -5.49
C ILE B 92 -6.94 17.85 -4.54
N ILE B 93 -6.99 19.06 -5.10
CA ILE B 93 -7.11 20.27 -4.32
C ILE B 93 -8.57 20.71 -4.38
N ASP B 94 -9.18 20.97 -3.22
CA ASP B 94 -10.52 21.57 -3.18
C ASP B 94 -10.57 22.82 -4.09
N PRO B 95 -11.64 22.97 -4.88
CA PRO B 95 -11.73 24.16 -5.75
C PRO B 95 -11.56 25.50 -5.04
N THR B 96 -12.05 25.62 -3.81
CA THR B 96 -11.91 26.89 -3.09
C THR B 96 -10.47 27.17 -2.63
N HIS B 97 -9.54 26.23 -2.79
CA HIS B 97 -8.12 26.43 -2.42
C HIS B 97 -7.14 26.28 -3.58
N GLN B 98 -7.64 26.34 -4.80
CA GLN B 98 -6.82 26.24 -6.00
C GLN B 98 -6.13 27.58 -6.22
N GLY B 99 -5.07 27.64 -7.00
CA GLY B 99 -4.38 28.92 -7.20
C GLY B 99 -3.60 29.52 -6.04
N LYS B 100 -3.25 28.70 -5.05
CA LYS B 100 -2.30 29.12 -4.01
C LYS B 100 -1.01 28.27 -3.93
N GLY B 101 -0.68 27.52 -4.99
CA GLY B 101 0.53 26.67 -5.01
C GLY B 101 0.48 25.39 -4.18
N TYR B 102 -0.71 24.96 -3.75
CA TYR B 102 -0.81 23.77 -2.91
C TYR B 102 -0.62 22.44 -3.66
N ALA B 103 -0.89 22.42 -4.97
CA ALA B 103 -0.78 21.18 -5.78
C ALA B 103 0.66 20.66 -5.79
N GLY B 104 1.58 21.58 -6.13
CA GLY B 104 3.00 21.32 -6.15
C GLY B 104 3.55 20.91 -4.79
N ALA B 105 3.16 21.61 -3.73
CA ALA B 105 3.65 21.30 -2.38
C ALA B 105 3.17 19.93 -1.92
N ALA B 106 1.92 19.63 -2.22
CA ALA B 106 1.34 18.34 -1.86
C ALA B 106 1.96 17.20 -2.62
N ALA B 107 2.29 17.43 -3.88
CA ALA B 107 2.99 16.44 -4.70
C ALA B 107 4.32 16.04 -4.05
N LYS B 108 5.07 17.03 -3.55
CA LYS B 108 6.34 16.72 -2.86
C LYS B 108 6.08 15.91 -1.61
N LEU B 109 5.02 16.24 -0.87
CA LEU B 109 4.67 15.45 0.33
C LEU B 109 4.29 14.01 -0.03
N ALA B 110 3.58 13.82 -1.13
CA ALA B 110 3.22 12.49 -1.57
C ALA B 110 4.44 11.68 -1.99
N MET B 111 5.36 12.35 -2.68
CA MET B 111 6.61 11.70 -3.11
C MET B 111 7.43 11.28 -1.88
N GLU B 112 7.54 12.17 -0.90
CA GLU B 112 8.26 11.88 0.32
C GLU B 112 7.65 10.69 1.07
N TYR B 113 6.31 10.63 1.17
CA TYR B 113 5.70 9.50 1.84
C TYR B 113 5.98 8.21 1.03
N GLY B 114 5.75 8.24 -0.27
CA GLY B 114 5.89 7.02 -1.04
C GLY B 114 7.31 6.47 -1.07
N PHE B 115 8.29 7.37 -1.18
CA PHE B 115 9.66 6.96 -1.27
C PHE B 115 10.39 6.80 0.06
N SER B 116 10.11 7.63 1.04
CA SER B 116 10.90 7.63 2.25
C SER B 116 10.22 6.88 3.39
N VAL B 117 8.90 6.65 3.29
CA VAL B 117 8.20 5.90 4.33
C VAL B 117 7.76 4.50 3.83
N LEU B 118 7.11 4.44 2.68
CA LEU B 118 6.60 3.20 2.11
C LEU B 118 7.69 2.38 1.36
N ASN B 119 8.82 3.01 1.07
CA ASN B 119 9.94 2.36 0.45
C ASN B 119 9.59 1.82 -0.97
N LEU B 120 8.82 2.61 -1.72
CA LEU B 120 8.54 2.29 -3.10
C LEU B 120 9.72 2.64 -4.02
N TYR B 121 9.76 1.98 -5.17
CA TYR B 121 10.76 2.24 -6.18
C TYR B 121 10.28 3.20 -7.24
N LYS B 122 8.98 3.14 -7.55
CA LYS B 122 8.38 3.87 -8.67
C LYS B 122 7.10 4.50 -8.22
N LEU B 123 6.94 5.79 -8.50
CA LEU B 123 5.63 6.47 -8.37
C LEU B 123 5.25 6.99 -9.73
N TYR B 124 3.98 6.85 -10.09
CA TYR B 124 3.49 7.40 -11.33
C TYR B 124 2.13 8.05 -11.14
N LEU B 125 1.73 8.83 -12.12
CA LEU B 125 0.46 9.57 -12.07
C LEU B 125 -0.08 9.68 -13.46
N ILE B 126 -1.36 9.94 -13.58
CA ILE B 126 -2.01 10.15 -14.87
C ILE B 126 -2.67 11.52 -14.81
N VAL B 127 -2.55 12.30 -15.88
CA VAL B 127 -3.23 13.59 -15.98
C VAL B 127 -3.73 13.77 -17.38
N ASP B 128 -4.79 14.53 -17.55
CA ASP B 128 -5.28 14.83 -18.86
C ASP B 128 -4.19 15.49 -19.67
N LYS B 129 -4.10 15.12 -20.93
CA LYS B 129 -3.11 15.69 -21.85
C LYS B 129 -3.21 17.23 -21.98
N GLU B 130 -4.42 17.76 -21.88
CA GLU B 130 -4.68 19.21 -21.94
C GLU B 130 -4.47 19.89 -20.58
N ASN B 131 -4.07 19.16 -19.53
CA ASN B 131 -3.81 19.76 -18.21
C ASN B 131 -2.36 20.27 -18.16
N GLU B 132 -2.11 21.35 -18.92
CA GLU B 132 -0.73 21.77 -19.17
C GLU B 132 -0.01 22.23 -17.91
N LYS B 133 -0.78 22.78 -16.97
CA LYS B 133 -0.22 23.29 -15.73
C LYS B 133 0.31 22.16 -14.88
N ALA B 134 -0.48 21.10 -14.74
CA ALA B 134 -0.07 19.94 -13.96
C ALA B 134 1.11 19.26 -14.63
N ILE B 135 1.08 19.13 -15.94
CA ILE B 135 2.22 18.56 -16.66
C ILE B 135 3.50 19.34 -16.34
N HIS B 136 3.39 20.67 -16.32
CA HIS B 136 4.57 21.53 -16.08
C HIS B 136 5.08 21.32 -14.66
N ILE B 137 4.17 21.34 -13.67
CA ILE B 137 4.55 21.08 -12.29
C ILE B 137 5.29 19.76 -12.12
N TYR B 138 4.74 18.70 -12.70
CA TYR B 138 5.33 17.38 -12.53
C TYR B 138 6.66 17.26 -13.28
N SER B 139 6.78 17.87 -14.46
CA SER B 139 8.06 17.93 -15.15
C SER B 139 9.09 18.63 -14.30
N LYS B 140 8.74 19.77 -13.70
CA LYS B 140 9.69 20.51 -12.85
C LYS B 140 10.11 19.70 -11.62
N LEU B 141 9.21 18.89 -11.07
CA LEU B 141 9.59 18.01 -9.95
C LEU B 141 10.47 16.80 -10.32
N GLY B 142 10.67 16.54 -11.62
CA GLY B 142 11.54 15.45 -12.04
C GLY B 142 10.81 14.25 -12.67
N PHE B 143 9.49 14.34 -12.86
CA PHE B 143 8.76 13.25 -13.52
C PHE B 143 9.05 13.26 -15.02
N GLU B 144 9.09 12.08 -15.63
CA GLU B 144 9.26 11.93 -17.05
C GLU B 144 7.97 11.32 -17.63
N ILE B 145 7.64 11.64 -18.87
CA ILE B 145 6.49 11.08 -19.56
C ILE B 145 6.81 9.66 -19.98
N GLU B 146 5.97 8.68 -19.60
CA GLU B 146 6.17 7.30 -20.07
C GLU B 146 5.09 6.81 -21.01
N GLY B 147 4.02 7.57 -21.19
CA GLY B 147 2.98 7.07 -22.04
C GLY B 147 1.89 8.04 -22.29
N GLU B 148 1.21 7.86 -23.42
CA GLU B 148 0.08 8.65 -23.76
C GLU B 148 -1.11 7.74 -23.98
N LEU B 149 -1.95 7.55 -22.96
CA LEU B 149 -3.07 6.56 -23.02
C LEU B 149 -4.27 7.15 -23.74
N LYS B 150 -4.55 6.64 -24.93
CA LYS B 150 -5.44 7.27 -25.88
C LYS B 150 -6.88 6.91 -25.51
N GLN B 151 -7.72 7.94 -25.36
CA GLN B 151 -9.15 7.76 -25.16
C GLN B 151 -9.42 6.78 -24.00
N GLU B 152 -8.68 6.99 -22.91
CA GLU B 152 -8.68 6.14 -21.76
C GLU B 152 -9.87 6.41 -20.79
N PHE B 153 -10.45 7.60 -20.83
CA PHE B 153 -11.58 7.96 -19.98
C PHE B 153 -12.66 8.66 -20.79
N PHE B 154 -13.87 8.15 -20.64
CA PHE B 154 -15.09 8.84 -21.06
C PHE B 154 -15.58 9.82 -20.01
N ILE B 155 -15.47 11.10 -20.33
CA ILE B 155 -15.78 12.19 -19.40
C ILE B 155 -16.63 13.25 -20.08
N ASN B 156 -17.78 13.49 -19.51
CA ASN B 156 -18.66 14.55 -19.98
C ASN B 156 -18.92 14.38 -21.50
N GLY B 157 -19.19 13.17 -21.95
CA GLY B 157 -19.58 12.97 -23.34
C GLY B 157 -18.45 12.75 -24.36
N GLU B 158 -17.21 12.68 -23.94
CA GLU B 158 -16.08 12.45 -24.89
C GLU B 158 -14.92 11.68 -24.25
N TYR B 159 -14.20 10.98 -25.10
CA TYR B 159 -13.06 10.21 -24.70
C TYR B 159 -11.89 11.13 -24.59
N ARG B 160 -11.16 11.06 -23.48
CA ARG B 160 -10.03 11.92 -23.23
C ARG B 160 -8.79 11.08 -23.19
N THR B 161 -7.70 11.68 -23.57
CA THR B 161 -6.40 11.08 -23.63
C THR B 161 -5.62 11.60 -22.45
N VAL B 162 -4.87 10.71 -21.79
CA VAL B 162 -4.10 11.08 -20.62
C VAL B 162 -2.63 10.80 -20.82
N ILE B 163 -1.83 11.49 -20.01
CA ILE B 163 -0.38 11.37 -20.01
C ILE B 163 -0.03 10.66 -18.70
N ARG B 164 0.77 9.61 -18.79
CA ARG B 164 1.29 8.89 -17.61
C ARG B 164 2.71 9.40 -17.40
N MET B 165 3.01 9.88 -16.18
CA MET B 165 4.35 10.32 -15.82
C MET B 165 4.86 9.55 -14.62
N CYS B 166 6.16 9.33 -14.56
CA CYS B 166 6.77 8.56 -13.49
C CYS B 166 8.08 9.15 -12.99
N ILE B 167 8.45 8.77 -11.78
CA ILE B 167 9.75 9.11 -11.18
C ILE B 167 10.17 7.93 -10.30
N PHE B 168 11.47 7.74 -10.15
CA PHE B 168 12.02 6.61 -9.42
C PHE B 168 12.73 7.00 -8.15
N GLN B 169 12.84 6.04 -7.23
CA GLN B 169 13.33 6.28 -5.86
C GLN B 169 14.77 6.80 -5.82
N PRO B 170 15.72 6.17 -6.53
CA PRO B 170 17.10 6.73 -6.54
C PRO B 170 17.21 8.23 -6.92
N GLN B 171 16.61 8.63 -8.05
CA GLN B 171 16.58 10.06 -8.49
C GLN B 171 15.95 10.96 -7.40
N TYR B 172 14.83 10.52 -6.79
CA TYR B 172 14.18 11.29 -5.75
C TYR B 172 15.08 11.51 -4.54
N LEU B 173 15.54 10.40 -3.94
CA LEU B 173 16.36 10.47 -2.73
C LEU B 173 17.64 11.29 -2.97
N ALA B 174 18.25 11.14 -4.15
CA ALA B 174 19.39 11.98 -4.50
C ALA B 174 19.02 13.47 -4.50
N LYS B 175 18.01 13.84 -5.29
CA LYS B 175 17.67 15.26 -5.56
C LYS B 175 17.04 16.01 -4.37
N TYR B 176 16.26 15.33 -3.53
CA TYR B 176 15.60 15.98 -2.40
C TYR B 176 16.02 15.48 -1.04
N LYS B 177 16.98 14.55 -0.94
CA LYS B 177 17.50 14.17 0.36
C LYS B 177 19.06 14.25 0.46
N THR B 178 19.75 14.75 -0.59
CA THR B 178 21.11 15.41 -0.47
C THR B 178 21.27 16.34 0.76
N SER C 1 10.68 4.50 50.11
CA SER C 1 11.65 5.52 50.58
C SER C 1 10.97 6.45 51.59
N ASN C 2 11.71 6.88 52.58
CA ASN C 2 11.08 7.48 53.79
C ASN C 2 10.85 9.03 53.71
N ALA C 3 10.34 9.65 54.78
CA ALA C 3 9.93 11.08 54.80
C ALA C 3 10.78 12.01 53.94
N MET C 4 12.08 11.96 54.16
CA MET C 4 13.05 12.83 53.50
C MET C 4 13.74 12.17 52.29
N SER C 5 13.02 12.12 51.19
CA SER C 5 13.42 11.41 49.96
C SER C 5 12.90 12.15 48.75
N THR C 6 13.53 11.91 47.60
CA THR C 6 12.97 12.21 46.32
C THR C 6 12.40 10.88 45.81
N THR C 7 11.10 10.85 45.54
CA THR C 7 10.45 9.72 44.87
C THR C 7 9.63 10.31 43.74
N SER C 8 9.55 9.59 42.63
CA SER C 8 8.69 9.94 41.50
C SER C 8 7.28 9.37 41.72
N SER C 9 6.30 10.13 41.32
CA SER C 9 4.91 9.63 41.23
C SER C 9 4.60 8.96 39.87
N VAL C 10 5.60 8.58 39.08
CA VAL C 10 5.36 7.86 37.81
C VAL C 10 4.82 6.45 38.04
N ARG C 11 3.73 6.12 37.38
CA ARG C 11 3.12 4.79 37.45
C ARG C 11 2.64 4.27 36.08
N LEU C 12 2.45 2.97 36.04
CA LEU C 12 1.84 2.26 34.92
C LEU C 12 0.42 1.91 35.25
N ARG C 13 -0.48 2.09 34.27
CA ARG C 13 -1.75 1.40 34.36
C ARG C 13 -2.16 0.81 33.04
N PRO C 14 -2.99 -0.25 33.13
CA PRO C 14 -3.35 -0.98 31.93
C PRO C 14 -3.99 -0.09 30.91
N LEU C 15 -3.59 -0.27 29.65
CA LEU C 15 -4.22 0.49 28.58
C LEU C 15 -5.71 0.13 28.44
N GLU C 16 -6.54 1.16 28.26
CA GLU C 16 -7.97 1.03 28.04
C GLU C 16 -8.33 1.58 26.68
N ARG C 17 -9.52 1.20 26.22
CA ARG C 17 -10.07 1.72 24.97
C ARG C 17 -10.05 3.26 24.90
N GLU C 18 -10.44 3.90 25.99
N GLU C 18 -10.43 3.89 26.02
CA GLU C 18 -10.48 5.36 26.08
CA GLU C 18 -10.46 5.36 26.18
C GLU C 18 -9.10 6.00 25.96
C GLU C 18 -9.09 6.00 25.96
N ASP C 19 -8.02 5.22 26.10
CA ASP C 19 -6.67 5.72 25.86
C ASP C 19 -6.24 5.77 24.39
N LEU C 20 -7.03 5.21 23.48
CA LEU C 20 -6.58 5.11 22.09
C LEU C 20 -6.34 6.46 21.42
N PRO C 21 -7.16 7.48 21.70
CA PRO C 21 -6.83 8.81 21.08
C PRO C 21 -5.45 9.31 21.51
N PHE C 22 -5.11 9.14 22.79
CA PHE C 22 -3.75 9.48 23.26
C PHE C 22 -2.67 8.66 22.52
N VAL C 23 -2.90 7.36 22.39
CA VAL C 23 -1.95 6.53 21.65
C VAL C 23 -1.80 6.97 20.21
N HIS C 24 -2.90 7.22 19.55
CA HIS C 24 -2.87 7.56 18.14
C HIS C 24 -2.07 8.82 17.87
N GLN C 25 -2.28 9.87 18.71
CA GLN C 25 -1.59 11.16 18.51
C GLN C 25 -0.13 11.14 18.93
N LEU C 26 0.37 10.06 19.55
CA LEU C 26 1.82 9.96 19.78
C LEU C 26 2.66 10.09 18.49
N ASP C 27 2.07 9.71 17.33
CA ASP C 27 2.74 9.81 16.03
C ASP C 27 1.79 9.61 14.81
N ASN C 28 0.87 10.55 14.64
CA ASN C 28 -0.06 10.57 13.49
C ASN C 28 0.42 11.49 12.33
N ASN C 29 1.63 11.27 11.83
CA ASN C 29 2.30 12.20 10.91
C ASN C 29 2.55 11.65 9.52
N ALA C 30 2.08 10.43 9.24
CA ALA C 30 2.43 9.74 7.97
C ALA C 30 3.97 9.74 7.74
N SER C 31 4.72 9.42 8.79
CA SER C 31 6.19 9.42 8.79
C SER C 31 6.75 8.06 9.21
N ILE C 32 5.91 7.16 9.70
CA ILE C 32 6.35 5.86 10.16
C ILE C 32 5.18 4.84 10.03
N MET C 33 5.52 3.59 9.80
CA MET C 33 4.54 2.50 9.84
C MET C 33 4.32 2.07 11.29
N ARG C 34 3.06 2.03 11.70
CA ARG C 34 2.66 1.68 13.06
C ARG C 34 1.90 0.34 13.05
N TYR C 35 2.10 -0.44 14.11
CA TYR C 35 1.56 -1.80 14.21
C TYR C 35 0.83 -1.98 15.55
N TRP C 36 -0.22 -2.78 15.52
CA TRP C 36 -0.95 -3.23 16.69
C TRP C 36 -1.13 -4.74 16.54
N PHE C 37 -0.56 -5.47 17.48
CA PHE C 37 -0.48 -6.93 17.39
C PHE C 37 -0.01 -7.35 16.02
N GLU C 38 1.01 -6.64 15.52
CA GLU C 38 1.69 -6.94 14.28
C GLU C 38 0.88 -6.68 13.03
N GLU C 39 -0.24 -5.97 13.17
CA GLU C 39 -1.07 -5.61 12.03
C GLU C 39 -0.92 -4.08 11.81
N PRO C 40 -0.67 -3.66 10.55
CA PRO C 40 -0.45 -2.25 10.28
C PRO C 40 -1.73 -1.41 10.44
N TYR C 41 -1.56 -0.15 10.83
CA TYR C 41 -2.64 0.81 10.82
C TYR C 41 -2.05 2.21 10.59
N GLU C 42 -2.90 3.08 10.06
CA GLU C 42 -2.66 4.51 10.02
C GLU C 42 -3.81 5.28 10.67
N ALA C 43 -5.01 5.06 10.20
CA ALA C 43 -6.21 5.76 10.64
C ALA C 43 -6.63 5.33 12.04
N PHE C 44 -7.15 6.30 12.80
CA PHE C 44 -7.66 6.07 14.15
C PHE C 44 -8.71 4.95 14.17
N VAL C 45 -9.61 5.00 13.21
CA VAL C 45 -10.65 4.00 13.03
C VAL C 45 -10.06 2.60 12.83
N GLU C 46 -8.96 2.52 12.10
CA GLU C 46 -8.27 1.23 11.89
C GLU C 46 -7.65 0.71 13.19
N LEU C 47 -7.02 1.59 13.95
CA LEU C 47 -6.49 1.25 15.30
C LEU C 47 -7.59 0.72 16.20
N CYS C 48 -8.75 1.39 16.20
CA CYS C 48 -9.87 1.00 17.06
C CYS C 48 -10.37 -0.39 16.71
N ASP C 49 -10.49 -0.68 15.42
CA ASP C 49 -10.91 -2.01 15.01
C ASP C 49 -9.88 -3.10 15.39
N LEU C 50 -8.60 -2.81 15.20
CA LEU C 50 -7.56 -3.73 15.63
C LEU C 50 -7.55 -3.95 17.15
N TYR C 51 -7.80 -2.88 17.89
CA TYR C 51 -7.90 -2.94 19.35
C TYR C 51 -8.98 -3.91 19.75
N ASP C 52 -10.17 -3.75 19.20
CA ASP C 52 -11.29 -4.65 19.44
C ASP C 52 -11.00 -6.09 19.07
N LYS C 53 -10.37 -6.32 17.94
CA LYS C 53 -10.07 -7.69 17.52
C LYS C 53 -9.08 -8.41 18.46
N HIS C 54 -8.20 -7.69 19.14
CA HIS C 54 -7.15 -8.30 19.95
C HIS C 54 -7.28 -8.07 21.45
N ILE C 55 -8.44 -7.64 21.92
CA ILE C 55 -8.64 -7.33 23.34
C ILE C 55 -8.18 -8.44 24.30
N HIS C 56 -8.39 -9.70 23.96
CA HIS C 56 -7.94 -10.85 24.80
C HIS C 56 -6.67 -11.51 24.31
N ASP C 57 -5.96 -10.94 23.36
CA ASP C 57 -4.72 -11.54 22.89
C ASP C 57 -3.63 -11.21 23.93
N GLN C 58 -2.98 -12.26 24.41
CA GLN C 58 -1.94 -12.20 25.46
C GLN C 58 -0.51 -12.04 24.89
N SER C 59 -0.35 -12.01 23.58
CA SER C 59 0.97 -11.89 23.00
C SER C 59 1.58 -10.48 23.11
N GLU C 60 0.77 -9.47 23.44
CA GLU C 60 1.24 -8.11 23.72
C GLU C 60 0.45 -7.55 24.88
N ARG C 61 1.07 -6.63 25.62
CA ARG C 61 0.49 -5.96 26.77
C ARG C 61 0.98 -4.56 26.80
N ARG C 62 0.05 -3.63 27.06
CA ARG C 62 0.37 -2.22 27.01
C ARG C 62 -0.10 -1.51 28.26
N PHE C 63 0.64 -0.46 28.60
CA PHE C 63 0.36 0.33 29.79
C PHE C 63 0.57 1.80 29.47
N ILE C 64 -0.31 2.62 30.02
CA ILE C 64 -0.12 4.06 29.98
C ILE C 64 0.81 4.45 31.11
N ILE C 65 1.79 5.31 30.80
CA ILE C 65 2.69 5.85 31.81
C ILE C 65 2.00 7.13 32.28
N GLU C 66 1.75 7.24 33.57
CA GLU C 66 1.18 8.50 34.06
C GLU C 66 1.89 9.04 35.27
N SER C 67 1.84 10.35 35.40
CA SER C 67 2.38 11.09 36.55
C SER C 67 1.37 12.16 36.93
N GLN C 68 0.94 12.13 38.19
CA GLN C 68 -0.01 13.10 38.73
C GLN C 68 -1.24 13.18 37.84
N GLY C 69 -1.76 12.00 37.47
CA GLY C 69 -2.91 11.92 36.60
C GLY C 69 -2.77 12.40 35.15
N THR C 70 -1.61 12.89 34.72
CA THR C 70 -1.43 13.20 33.28
C THR C 70 -0.81 12.01 32.52
N LYS C 71 -1.25 11.79 31.30
CA LYS C 71 -0.73 10.72 30.45
C LYS C 71 0.58 11.20 29.81
N ILE C 72 1.65 10.50 30.12
CA ILE C 72 3.00 10.84 29.69
C ILE C 72 3.49 10.05 28.49
N GLY C 73 3.02 8.81 28.40
CA GLY C 73 3.53 7.89 27.41
C GLY C 73 2.94 6.48 27.47
N LEU C 74 3.56 5.59 26.71
CA LEU C 74 3.10 4.23 26.55
C LEU C 74 4.25 3.25 26.76
N VAL C 75 4.00 2.19 27.49
CA VAL C 75 4.90 1.02 27.54
C VAL C 75 4.24 -0.08 26.75
N GLU C 76 4.97 -0.69 25.83
CA GLU C 76 4.50 -1.90 25.14
C GLU C 76 5.40 -3.06 25.46
N LEU C 77 4.83 -4.19 25.87
CA LEU C 77 5.53 -5.50 25.86
C LEU C 77 4.97 -6.27 24.69
N VAL C 78 5.83 -6.65 23.73
CA VAL C 78 5.44 -7.34 22.55
C VAL C 78 6.27 -8.61 22.40
N GLU C 79 5.88 -9.45 21.47
CA GLU C 79 6.52 -10.74 21.22
C GLU C 79 6.62 -11.56 22.49
N ILE C 80 5.58 -11.53 23.32
CA ILE C 80 5.64 -12.20 24.60
C ILE C 80 5.56 -13.70 24.29
N ASN C 81 6.50 -14.48 24.82
CA ASN C 81 6.42 -15.92 24.70
C ASN C 81 6.68 -16.50 26.10
N HIS C 82 5.70 -17.19 26.67
CA HIS C 82 5.83 -17.74 28.03
C HIS C 82 6.52 -19.11 28.10
N ILE C 83 6.81 -19.75 26.98
CA ILE C 83 7.62 -20.98 27.00
C ILE C 83 9.09 -20.59 27.04
N HIS C 84 9.51 -19.68 26.17
CA HIS C 84 10.90 -19.17 26.20
C HIS C 84 11.07 -18.10 27.25
N ARG C 85 9.95 -17.62 27.79
CA ARG C 85 9.92 -16.70 28.92
C ARG C 85 10.64 -15.41 28.60
N ARG C 86 10.23 -14.81 27.48
CA ARG C 86 10.77 -13.54 27.08
C ARG C 86 9.76 -12.60 26.47
N ALA C 87 10.15 -11.33 26.43
CA ALA C 87 9.39 -10.33 25.72
C ALA C 87 10.28 -9.17 25.32
N GLU C 88 9.87 -8.46 24.29
CA GLU C 88 10.50 -7.22 23.90
C GLU C 88 9.70 -6.12 24.57
N PHE C 89 10.36 -5.04 24.98
CA PHE C 89 9.61 -3.88 25.36
C PHE C 89 10.07 -2.66 24.66
N GLN C 90 9.15 -1.71 24.61
CA GLN C 90 9.43 -0.34 24.16
C GLN C 90 8.76 0.70 25.10
N ILE C 91 9.46 1.79 25.37
CA ILE C 91 8.97 2.96 26.10
C ILE C 91 8.80 4.10 25.07
N ILE C 92 7.63 4.69 24.96
CA ILE C 92 7.38 5.84 24.08
C ILE C 92 6.87 6.99 24.95
N ILE C 93 7.61 8.07 24.95
CA ILE C 93 7.26 9.26 25.74
C ILE C 93 6.66 10.28 24.79
N ASP C 94 5.48 10.81 25.15
CA ASP C 94 4.90 11.93 24.38
C ASP C 94 5.95 13.03 24.16
N PRO C 95 6.03 13.58 22.94
CA PRO C 95 7.00 14.65 22.68
C PRO C 95 6.93 15.82 23.68
N THR C 96 5.74 16.19 24.12
CA THR C 96 5.64 17.30 25.07
C THR C 96 6.16 16.96 26.48
N HIS C 97 6.52 15.72 26.76
CA HIS C 97 7.09 15.32 28.08
C HIS C 97 8.48 14.71 28.00
N GLN C 98 9.16 14.92 26.88
CA GLN C 98 10.50 14.37 26.69
C GLN C 98 11.50 15.24 27.42
N GLY C 99 12.71 14.74 27.66
CA GLY C 99 13.69 15.53 28.40
C GLY C 99 13.47 15.75 29.90
N LYS C 100 12.57 14.97 30.50
CA LYS C 100 12.38 15.03 31.95
C LYS C 100 12.65 13.70 32.70
N GLY C 101 13.34 12.75 32.07
CA GLY C 101 13.77 11.51 32.73
C GLY C 101 12.68 10.47 32.99
N TYR C 102 11.53 10.61 32.30
CA TYR C 102 10.45 9.64 32.41
C TYR C 102 10.74 8.30 31.71
N ALA C 103 11.64 8.31 30.71
CA ALA C 103 11.99 7.09 29.95
C ALA C 103 12.61 6.05 30.88
N GLY C 104 13.63 6.48 31.61
CA GLY C 104 14.33 5.68 32.60
C GLY C 104 13.41 5.15 33.70
N ALA C 105 12.55 6.00 34.24
CA ALA C 105 11.64 5.60 35.34
C ALA C 105 10.62 4.58 34.84
N ALA C 106 10.11 4.80 33.63
CA ALA C 106 9.16 3.90 33.03
C ALA C 106 9.77 2.55 32.72
N ALA C 107 11.01 2.55 32.28
CA ALA C 107 11.75 1.33 32.00
C ALA C 107 11.85 0.47 33.25
N LYS C 108 12.13 1.07 34.42
CA LYS C 108 12.18 0.30 35.67
C LYS C 108 10.85 -0.29 36.00
N LEU C 109 9.77 0.47 35.77
CA LEU C 109 8.42 -0.08 36.03
C LEU C 109 8.11 -1.24 35.08
N ALA C 110 8.53 -1.14 33.82
CA ALA C 110 8.30 -2.20 32.87
C ALA C 110 9.09 -3.44 33.22
N MET C 111 10.33 -3.26 33.68
CA MET C 111 11.16 -4.37 34.12
C MET C 111 10.50 -5.10 35.31
N GLU C 112 10.03 -4.30 36.29
CA GLU C 112 9.36 -4.83 37.45
C GLU C 112 8.10 -5.65 37.06
N TYR C 113 7.29 -5.11 36.15
CA TYR C 113 6.13 -5.84 35.73
C TYR C 113 6.54 -7.14 34.99
N GLY C 114 7.45 -7.06 34.07
CA GLY C 114 7.81 -8.23 33.30
C GLY C 114 8.44 -9.34 34.11
N PHE C 115 9.30 -8.97 35.04
CA PHE C 115 9.96 -9.94 35.89
C PHE C 115 9.20 -10.42 37.13
N SER C 116 8.50 -9.52 37.78
CA SER C 116 7.93 -9.82 39.07
C SER C 116 6.44 -10.13 38.99
N VAL C 117 5.78 -9.76 37.90
CA VAL C 117 4.37 -10.10 37.71
C VAL C 117 4.16 -11.19 36.62
N LEU C 118 4.77 -10.97 35.46
CA LEU C 118 4.62 -11.87 34.34
C LEU C 118 5.55 -13.10 34.39
N ASN C 119 6.52 -13.07 35.28
CA ASN C 119 7.44 -14.18 35.53
C ASN C 119 8.27 -14.52 34.30
N LEU C 120 8.73 -13.50 33.58
CA LEU C 120 9.60 -13.71 32.43
C LEU C 120 11.05 -13.91 32.90
N TYR C 121 11.84 -14.56 32.03
CA TYR C 121 13.24 -14.79 32.25
C TYR C 121 14.13 -13.76 31.60
N LYS C 122 13.69 -13.25 30.45
CA LYS C 122 14.49 -12.36 29.60
C LYS C 122 13.65 -11.23 29.08
N LEU C 123 14.13 -10.00 29.29
CA LEU C 123 13.52 -8.81 28.64
C LEU C 123 14.56 -8.17 27.74
N TYR C 124 14.16 -7.75 26.57
CA TYR C 124 15.05 -7.09 25.63
C TYR C 124 14.36 -5.91 24.96
N LEU C 125 15.17 -5.06 24.36
CA LEU C 125 14.69 -3.85 23.67
C LEU C 125 15.58 -3.61 22.49
N ILE C 126 15.08 -2.82 21.56
CA ILE C 126 15.80 -2.37 20.39
C ILE C 126 15.92 -0.84 20.42
N VAL C 127 17.09 -0.30 20.14
CA VAL C 127 17.28 1.15 20.04
C VAL C 127 18.18 1.46 18.89
N ASP C 128 17.95 2.61 18.27
CA ASP C 128 18.78 3.03 17.20
C ASP C 128 20.21 3.15 17.71
N LYS C 129 21.14 2.72 16.87
CA LYS C 129 22.56 2.76 17.22
C LYS C 129 23.07 4.16 17.46
N GLU C 130 22.50 5.16 16.77
CA GLU C 130 22.87 6.58 16.96
C GLU C 130 22.27 7.19 18.25
N ASN C 131 21.38 6.48 18.92
CA ASN C 131 20.72 7.02 20.12
C ASN C 131 21.55 6.76 21.36
N GLU C 132 22.69 7.42 21.44
CA GLU C 132 23.70 7.17 22.48
C GLU C 132 23.17 7.39 23.90
N LYS C 133 22.26 8.35 24.04
CA LYS C 133 21.72 8.69 25.35
C LYS C 133 20.84 7.57 25.88
N ALA C 134 19.97 7.05 25.02
CA ALA C 134 19.12 5.93 25.41
C ALA C 134 19.96 4.67 25.69
N ILE C 135 20.97 4.42 24.86
CA ILE C 135 21.87 3.32 25.10
C ILE C 135 22.49 3.45 26.49
N HIS C 136 22.90 4.66 26.87
CA HIS C 136 23.55 4.89 28.16
C HIS C 136 22.56 4.63 29.30
N ILE C 137 21.35 5.17 29.20
CA ILE C 137 20.31 4.91 30.19
C ILE C 137 20.09 3.39 30.41
N TYR C 138 19.94 2.65 29.32
CA TYR C 138 19.70 1.21 29.44
C TYR C 138 20.92 0.45 29.99
N SER C 139 22.13 0.85 29.59
CA SER C 139 23.34 0.30 30.20
C SER C 139 23.36 0.53 31.70
N LYS C 140 23.04 1.75 32.14
CA LYS C 140 23.00 2.05 33.58
C LYS C 140 21.95 1.22 34.33
N LEU C 141 20.83 0.94 33.69
CA LEU C 141 19.81 0.05 34.31
C LEU C 141 20.19 -1.45 34.35
N GLY C 142 21.28 -1.85 33.71
CA GLY C 142 21.76 -3.22 33.76
C GLY C 142 21.62 -4.01 32.47
N PHE C 143 21.16 -3.39 31.39
CA PHE C 143 21.07 -4.07 30.11
C PHE C 143 22.43 -4.24 29.48
N GLU C 144 22.66 -5.38 28.81
N GLU C 144 22.67 -5.38 28.82
CA GLU C 144 23.88 -5.64 28.09
CA GLU C 144 23.89 -5.61 28.07
C GLU C 144 23.53 -5.70 26.59
C GLU C 144 23.56 -5.76 26.60
N ILE C 145 24.48 -5.33 25.75
CA ILE C 145 24.29 -5.37 24.30
C ILE C 145 24.41 -6.81 23.85
N GLU C 146 23.45 -7.31 23.08
CA GLU C 146 23.57 -8.67 22.54
C GLU C 146 23.74 -8.70 21.05
N GLY C 147 23.51 -7.58 20.36
CA GLY C 147 23.66 -7.65 18.93
C GLY C 147 23.34 -6.37 18.26
N GLU C 148 23.79 -6.26 17.03
CA GLU C 148 23.69 -5.09 16.24
C GLU C 148 22.98 -5.45 14.93
N LEU C 149 21.68 -5.20 14.85
CA LEU C 149 20.89 -5.58 13.66
C LEU C 149 21.04 -4.56 12.52
N LYS C 150 21.72 -4.96 11.47
CA LYS C 150 22.23 -4.03 10.44
C LYS C 150 21.13 -3.71 9.46
N GLN C 151 20.85 -2.42 9.25
CA GLN C 151 19.90 -1.95 8.23
C GLN C 151 18.56 -2.69 8.37
N GLU C 152 18.11 -2.80 9.62
CA GLU C 152 16.93 -3.52 10.00
C GLU C 152 15.61 -2.75 9.76
N PHE C 153 15.67 -1.42 9.70
CA PHE C 153 14.48 -0.58 9.49
C PHE C 153 14.77 0.48 8.44
N PHE C 154 13.89 0.55 7.45
CA PHE C 154 13.77 1.68 6.55
C PHE C 154 12.93 2.80 7.15
N ILE C 155 13.60 3.90 7.50
CA ILE C 155 12.99 5.02 8.18
C ILE C 155 13.41 6.32 7.56
N ASN C 156 12.42 7.11 7.15
CA ASN C 156 12.69 8.44 6.63
C ASN C 156 13.76 8.38 5.51
N GLY C 157 13.62 7.44 4.59
CA GLY C 157 14.49 7.39 3.41
C GLY C 157 15.77 6.62 3.53
N GLU C 158 16.06 5.99 4.68
CA GLU C 158 17.33 5.27 4.85
C GLU C 158 17.21 4.07 5.78
N TYR C 159 18.09 3.10 5.57
CA TYR C 159 18.15 1.92 6.40
C TYR C 159 18.91 2.26 7.66
N ARG C 160 18.36 1.90 8.81
CA ARG C 160 18.97 2.22 10.09
C ARG C 160 19.38 0.93 10.75
N THR C 161 20.43 1.03 11.54
CA THR C 161 20.97 -0.10 12.27
C THR C 161 20.56 0.09 13.71
N VAL C 162 20.17 -0.99 14.36
CA VAL C 162 19.73 -0.92 15.75
C VAL C 162 20.56 -1.85 16.62
N ILE C 163 20.50 -1.59 17.93
CA ILE C 163 21.22 -2.32 18.93
C ILE C 163 20.13 -3.04 19.73
N ARG C 164 20.30 -4.35 19.92
CA ARG C 164 19.41 -5.14 20.78
C ARG C 164 20.11 -5.28 22.14
N MET C 165 19.43 -4.92 23.22
CA MET C 165 19.96 -5.03 24.57
C MET C 165 19.02 -5.85 25.42
N CYS C 166 19.57 -6.60 26.37
CA CYS C 166 18.79 -7.52 27.18
C CYS C 166 19.25 -7.53 28.63
N ILE C 167 18.37 -8.03 29.50
CA ILE C 167 18.62 -8.25 30.91
C ILE C 167 17.82 -9.48 31.34
N PHE C 168 18.33 -10.23 32.30
CA PHE C 168 17.74 -11.51 32.72
C PHE C 168 17.17 -11.48 34.14
N GLN C 169 16.25 -12.39 34.43
CA GLN C 169 15.48 -12.38 35.68
C GLN C 169 16.33 -12.52 36.94
N PRO C 170 17.24 -13.50 37.00
CA PRO C 170 18.13 -13.57 38.20
C PRO C 170 18.93 -12.28 38.52
N GLN C 171 19.62 -11.71 37.54
N GLN C 171 19.66 -11.74 37.50
CA GLN C 171 20.34 -10.42 37.69
CA GLN C 171 20.36 -10.37 37.45
C GLN C 171 19.40 -9.29 38.16
C GLN C 171 19.51 -9.13 37.84
N TYR C 172 18.20 -9.20 37.57
CA TYR C 172 17.23 -8.17 37.99
C TYR C 172 16.80 -8.33 39.43
N LEU C 173 16.26 -9.50 39.77
CA LEU C 173 15.74 -9.78 41.12
C LEU C 173 16.84 -9.59 42.17
N ALA C 174 18.07 -10.00 41.85
CA ALA C 174 19.20 -9.74 42.76
C ALA C 174 19.40 -8.22 42.97
N LYS C 175 19.61 -7.50 41.87
CA LYS C 175 20.03 -6.09 41.91
C LYS C 175 18.96 -5.08 42.37
N TYR C 176 17.68 -5.35 42.11
CA TYR C 176 16.60 -4.45 42.55
C TYR C 176 15.65 -5.15 43.56
N LYS C 177 16.16 -6.16 44.30
CA LYS C 177 15.33 -6.94 45.28
C LYS C 177 16.10 -7.81 46.31
#